data_8V6Y
#
_entry.id   8V6Y
#
_cell.length_a   78.355
_cell.length_b   78.355
_cell.length_c   85.249
_cell.angle_alpha   90.00
_cell.angle_beta   90.00
_cell.angle_gamma   90.00
#
_symmetry.space_group_name_H-M   'P 42 21 2'
#
loop_
_entity.id
_entity.type
_entity.pdbx_description
1 polymer 'Inositol polyphosphate multikinase'
2 non-polymer '3-(3,5-dimethylphenyl)-2,1-benzoxazole-5-carboxylic acid'
3 water water
#
_entity_poly.entity_id   1
_entity_poly.type   'polypeptide(L)'
_entity_poly.pdbx_seq_one_letter_code
;GSFTSHQVAGHMYGKDKVGILQHPDGTVLKQLQPPPRGPRELEFYNMVYAADCFDGVLLELRKYLPKYYGIWSPPTAPND
LYLKLEDVTHKFNKPCIMDVKIGQKSYDPFASSEKIQQQVSKYPLMEEIGFLVLGMRVYHVHSDSYETENQHYGRSLTKE
TIKDGVSRFFHNGYCLRKDAVAASIQKIEKILQWFENQKQLNFYASSLLFVYEGSSQGGSGGEVEVRMIDFAHVFPSNTI
DEGYVYGLKHLISVLRSILDN
;
_entity_poly.pdbx_strand_id   A
#
loop_
_chem_comp.id
_chem_comp.type
_chem_comp.name
_chem_comp.formula
YHN non-polymer '3-(3,5-dimethylphenyl)-2,1-benzoxazole-5-carboxylic acid' 'C16 H13 N O3'
#
# COMPACT_ATOMS: atom_id res chain seq x y z
N ILE A 20 8.94 -5.07 9.60
CA ILE A 20 7.89 -4.44 10.47
C ILE A 20 7.85 -5.18 11.80
N LEU A 21 8.12 -4.42 12.89
CA LEU A 21 8.00 -4.91 14.26
C LEU A 21 6.79 -4.25 14.91
N GLN A 22 5.85 -5.05 15.44
CA GLN A 22 4.65 -4.54 16.08
C GLN A 22 4.95 -4.30 17.56
N HIS A 23 4.52 -3.18 18.08
CA HIS A 23 4.71 -2.86 19.46
C HIS A 23 3.33 -2.71 20.09
N PRO A 24 3.17 -3.20 21.35
CA PRO A 24 1.83 -3.13 21.93
C PRO A 24 1.34 -1.69 22.14
N ASP A 25 2.21 -0.69 22.08
CA ASP A 25 1.79 0.72 22.17
C ASP A 25 1.00 1.21 20.94
N GLY A 26 0.82 0.32 19.99
CA GLY A 26 -0.01 0.65 18.83
C GLY A 26 0.81 1.24 17.70
N THR A 27 2.14 1.04 17.75
CA THR A 27 3.00 1.54 16.70
C THR A 27 3.77 0.37 16.07
N VAL A 28 4.37 0.65 14.90
CA VAL A 28 5.31 -0.26 14.28
C VAL A 28 6.65 0.46 14.12
N LEU A 29 7.72 -0.33 14.20
CA LEU A 29 9.06 0.12 13.90
C LEU A 29 9.43 -0.50 12.56
N LYS A 30 9.68 0.39 11.58
CA LYS A 30 10.10 -0.03 10.27
C LYS A 30 11.58 0.32 10.09
N GLN A 31 12.37 -0.73 9.91
CA GLN A 31 13.80 -0.54 9.76
C GLN A 31 14.07 0.09 8.38
N LEU A 32 14.89 1.14 8.34
CA LEU A 32 15.26 1.76 7.06
C LEU A 32 15.91 0.71 6.16
N GLN A 33 15.50 0.69 4.91
CA GLN A 33 16.16 -0.14 3.94
C GLN A 33 17.56 0.44 3.62
N PRO A 34 18.43 -0.39 3.04
CA PRO A 34 19.76 0.10 2.68
C PRO A 34 19.63 1.31 1.74
N PRO A 35 20.66 2.19 1.71
CA PRO A 35 20.61 3.38 0.88
C PRO A 35 20.61 2.94 -0.58
N PRO A 36 19.98 3.71 -1.50
CA PRO A 36 19.31 4.98 -1.18
C PRO A 36 17.87 4.91 -0.66
N ARG A 37 17.30 3.70 -0.62
CA ARG A 37 15.87 3.54 -0.38
C ARG A 37 15.47 4.01 1.01
N GLY A 38 16.17 3.53 2.04
CA GLY A 38 15.79 3.84 3.41
C GLY A 38 15.85 5.34 3.68
N PRO A 39 17.00 5.97 3.39
CA PRO A 39 17.04 7.41 3.54
C PRO A 39 15.94 8.21 2.77
N ARG A 40 15.56 7.70 1.60
CA ARG A 40 14.53 8.40 0.82
C ARG A 40 13.15 8.29 1.54
N GLU A 41 12.89 7.14 2.09
CA GLU A 41 11.63 6.96 2.86
C GLU A 41 11.61 7.90 4.07
N LEU A 42 12.76 7.93 4.80
CA LEU A 42 12.87 8.89 5.88
C LEU A 42 12.59 10.31 5.42
N GLU A 43 13.20 10.75 4.30
CA GLU A 43 13.03 12.12 3.85
C GLU A 43 11.58 12.37 3.45
N PHE A 44 10.92 11.35 2.90
CA PHE A 44 9.51 11.48 2.53
C PHE A 44 8.68 11.82 3.77
N TYR A 45 8.82 11.02 4.82
CA TYR A 45 8.06 11.27 6.03
C TYR A 45 8.40 12.64 6.64
N ASN A 46 9.69 12.99 6.63
CA ASN A 46 10.12 14.26 7.21
C ASN A 46 9.54 15.45 6.45
N MET A 47 9.40 15.32 5.13
N MET A 47 9.40 15.32 5.13
CA MET A 47 8.89 16.40 4.30
CA MET A 47 8.90 16.38 4.30
C MET A 47 7.37 16.55 4.51
C MET A 47 7.38 16.55 4.51
N VAL A 48 6.65 15.43 4.53
CA VAL A 48 5.20 15.48 4.63
C VAL A 48 4.80 16.01 6.01
N TYR A 49 5.53 15.58 7.03
CA TYR A 49 5.13 15.81 8.42
C TYR A 49 5.93 16.96 9.02
N ALA A 50 6.60 17.77 8.16
CA ALA A 50 7.26 19.00 8.59
C ALA A 50 6.27 19.84 9.39
N ALA A 51 6.63 20.16 10.63
CA ALA A 51 5.73 20.82 11.57
C ALA A 51 5.27 22.17 11.04
N ASP A 52 6.18 22.84 10.31
CA ASP A 52 5.92 24.17 9.74
C ASP A 52 5.50 24.06 8.27
N CYS A 53 5.02 22.88 7.84
CA CYS A 53 4.47 22.74 6.50
C CYS A 53 3.02 23.21 6.48
N PHE A 54 2.67 24.07 5.49
CA PHE A 54 1.31 24.55 5.32
C PHE A 54 0.83 24.33 3.89
N ASP A 55 1.54 23.46 3.16
CA ASP A 55 1.17 23.08 1.82
C ASP A 55 -0.11 22.24 1.90
N GLY A 56 -1.21 22.77 1.32
CA GLY A 56 -2.50 22.11 1.37
C GLY A 56 -2.47 20.68 0.85
N VAL A 57 -1.69 20.43 -0.22
CA VAL A 57 -1.57 19.09 -0.77
C VAL A 57 -1.00 18.14 0.29
N LEU A 58 0.04 18.58 1.01
CA LEU A 58 0.73 17.66 1.90
C LEU A 58 -0.06 17.47 3.19
N LEU A 59 -0.75 18.52 3.66
CA LEU A 59 -1.62 18.40 4.83
C LEU A 59 -2.73 17.38 4.57
N GLU A 60 -3.32 17.41 3.36
N GLU A 60 -3.32 17.43 3.36
CA GLU A 60 -4.34 16.45 3.00
CA GLU A 60 -4.32 16.46 2.96
C GLU A 60 -3.73 15.05 2.92
C GLU A 60 -3.72 15.04 2.93
N LEU A 61 -2.50 14.90 2.39
CA LEU A 61 -1.89 13.60 2.23
C LEU A 61 -1.73 12.90 3.58
N ARG A 62 -1.44 13.65 4.65
CA ARG A 62 -1.25 13.10 5.99
C ARG A 62 -2.42 12.19 6.42
N LYS A 63 -3.63 12.52 5.98
CA LYS A 63 -4.82 11.76 6.34
C LYS A 63 -4.72 10.29 5.90
N TYR A 64 -3.95 10.02 4.84
CA TYR A 64 -3.94 8.74 4.14
C TYR A 64 -2.71 7.90 4.48
N LEU A 65 -1.80 8.48 5.28
CA LEU A 65 -0.55 7.83 5.66
C LEU A 65 -0.71 7.29 7.08
N PRO A 66 0.19 6.38 7.52
CA PRO A 66 0.34 6.14 8.94
C PRO A 66 0.77 7.44 9.60
N LYS A 67 0.27 7.71 10.82
CA LYS A 67 0.84 8.75 11.64
C LYS A 67 2.33 8.46 11.82
N TYR A 68 3.13 9.53 11.83
CA TYR A 68 4.58 9.44 11.90
C TYR A 68 5.09 10.03 13.23
N TYR A 69 5.92 9.25 13.94
CA TYR A 69 6.43 9.60 15.24
C TYR A 69 7.93 9.83 15.22
N GLY A 70 8.50 9.91 14.02
CA GLY A 70 9.87 10.31 13.84
C GLY A 70 10.80 9.12 13.69
N ILE A 71 12.05 9.44 13.38
CA ILE A 71 13.11 8.45 13.39
C ILE A 71 13.28 7.90 14.80
N TRP A 72 13.60 6.61 14.89
CA TRP A 72 13.89 5.99 16.17
C TRP A 72 15.07 5.03 16.02
N SER A 73 15.94 4.99 17.03
N SER A 73 15.94 4.99 17.03
CA SER A 73 17.01 4.03 17.10
CA SER A 73 17.01 4.03 17.10
C SER A 73 17.11 3.49 18.53
C SER A 73 17.11 3.49 18.53
N PRO A 74 17.60 2.24 18.72
CA PRO A 74 17.77 1.69 20.07
C PRO A 74 18.72 2.57 20.88
N PRO A 75 18.42 2.77 22.18
CA PRO A 75 19.27 3.56 23.07
C PRO A 75 20.77 3.26 22.96
N THR A 76 21.11 1.97 22.76
CA THR A 76 22.50 1.54 22.71
C THR A 76 23.02 1.37 21.29
N ALA A 77 22.25 1.76 20.27
CA ALA A 77 22.64 1.51 18.88
C ALA A 77 22.15 2.63 17.96
N PRO A 78 22.80 3.83 17.96
CA PRO A 78 22.39 4.94 17.10
C PRO A 78 22.55 4.67 15.60
N ASN A 79 23.35 3.64 15.28
CA ASN A 79 23.56 3.16 13.91
C ASN A 79 22.28 2.55 13.32
N ASP A 80 21.39 2.01 14.17
CA ASP A 80 20.30 1.17 13.72
C ASP A 80 19.02 2.00 13.57
N LEU A 81 18.70 2.40 12.34
CA LEU A 81 17.67 3.39 12.08
C LEU A 81 16.31 2.74 11.75
N TYR A 82 15.27 3.25 12.40
CA TYR A 82 13.89 2.86 12.15
C TYR A 82 12.99 4.08 11.98
N LEU A 83 11.83 3.86 11.32
CA LEU A 83 10.72 4.78 11.38
C LEU A 83 9.73 4.22 12.38
N LYS A 84 9.25 5.11 13.27
CA LYS A 84 8.17 4.79 14.19
C LYS A 84 6.89 5.31 13.57
N LEU A 85 6.00 4.38 13.25
CA LEU A 85 4.78 4.65 12.51
C LEU A 85 3.60 4.06 13.25
N GLU A 86 2.42 4.67 13.08
CA GLU A 86 1.16 4.08 13.47
C GLU A 86 1.03 2.65 12.94
N ASP A 87 0.62 1.73 13.83
CA ASP A 87 0.21 0.41 13.43
C ASP A 87 -1.26 0.46 13.03
N VAL A 88 -1.51 0.49 11.73
CA VAL A 88 -2.83 0.66 11.13
C VAL A 88 -3.74 -0.52 11.47
N THR A 89 -3.18 -1.63 11.95
CA THR A 89 -3.98 -2.82 12.23
C THR A 89 -4.36 -2.92 13.71
N HIS A 90 -3.87 -1.99 14.56
CA HIS A 90 -3.91 -2.13 16.01
C HIS A 90 -5.34 -2.18 16.57
N LYS A 91 -6.26 -1.39 15.99
CA LYS A 91 -7.58 -1.21 16.57
C LYS A 91 -8.52 -2.37 16.23
N PHE A 92 -8.04 -3.35 15.46
CA PHE A 92 -8.86 -4.47 15.01
C PHE A 92 -8.69 -5.68 15.95
N ASN A 93 -9.76 -6.48 16.04
CA ASN A 93 -9.75 -7.69 16.85
C ASN A 93 -9.08 -8.81 16.05
N LYS A 94 -9.65 -9.13 14.87
CA LYS A 94 -9.08 -10.12 13.97
C LYS A 94 -8.81 -9.44 12.63
N PRO A 95 -7.75 -8.61 12.53
CA PRO A 95 -7.51 -7.86 11.28
C PRO A 95 -7.24 -8.79 10.10
N CYS A 96 -7.99 -8.54 9.02
CA CYS A 96 -7.70 -9.10 7.72
C CYS A 96 -6.91 -8.04 6.96
N ILE A 97 -5.74 -8.42 6.45
CA ILE A 97 -4.78 -7.46 5.95
C ILE A 97 -4.41 -7.84 4.51
N MET A 98 -4.43 -6.86 3.62
CA MET A 98 -3.91 -7.07 2.28
C MET A 98 -3.05 -5.87 1.88
N ASP A 99 -1.85 -6.15 1.35
CA ASP A 99 -0.89 -5.16 0.89
C ASP A 99 -0.91 -5.21 -0.65
N VAL A 100 -1.24 -4.07 -1.29
CA VAL A 100 -1.32 -4.01 -2.74
C VAL A 100 -0.39 -2.91 -3.27
N LYS A 101 0.60 -3.33 -4.06
CA LYS A 101 1.48 -2.36 -4.71
C LYS A 101 0.72 -1.71 -5.87
N ILE A 102 0.84 -0.38 -5.98
CA ILE A 102 0.07 0.42 -6.93
C ILE A 102 1.00 1.01 -7.99
N GLY A 103 0.57 0.97 -9.26
CA GLY A 103 1.21 1.71 -10.34
C GLY A 103 1.50 0.83 -11.54
N GLN A 104 1.90 1.44 -12.64
CA GLN A 104 2.29 0.72 -13.85
C GLN A 104 3.77 0.33 -13.85
N LYS A 105 4.58 1.07 -13.10
CA LYS A 105 6.03 0.90 -13.04
C LYS A 105 6.43 0.77 -11.57
N SER A 106 7.21 -0.25 -11.26
N SER A 106 7.20 -0.27 -11.24
CA SER A 106 7.72 -0.47 -9.90
CA SER A 106 7.76 -0.49 -9.91
C SER A 106 9.13 0.10 -9.77
C SER A 106 9.26 -0.24 -9.93
N TYR A 107 9.69 0.55 -10.89
CA TYR A 107 11.05 1.05 -10.90
C TYR A 107 10.93 2.57 -10.95
N ASP A 108 11.99 3.26 -10.57
CA ASP A 108 11.83 4.70 -10.47
C ASP A 108 12.55 5.34 -11.63
N PRO A 109 12.45 6.69 -11.76
CA PRO A 109 12.91 7.39 -12.96
C PRO A 109 14.42 7.33 -13.18
N PHE A 110 15.15 6.88 -12.15
CA PHE A 110 16.60 6.87 -12.17
C PHE A 110 17.09 5.43 -12.27
N ALA A 111 16.18 4.48 -12.56
CA ALA A 111 16.61 3.09 -12.68
C ALA A 111 17.43 2.87 -13.96
N SER A 112 18.51 2.08 -13.81
CA SER A 112 19.29 1.56 -14.93
C SER A 112 18.47 0.57 -15.75
N SER A 113 18.94 0.28 -16.97
CA SER A 113 18.31 -0.71 -17.85
C SER A 113 18.16 -2.05 -17.12
N GLU A 114 19.20 -2.42 -16.35
CA GLU A 114 19.28 -3.69 -15.66
C GLU A 114 18.26 -3.73 -14.53
N LYS A 115 18.20 -2.67 -13.72
CA LYS A 115 17.23 -2.56 -12.63
C LYS A 115 15.80 -2.53 -13.14
N ILE A 116 15.56 -1.83 -14.26
CA ILE A 116 14.24 -1.81 -14.86
C ILE A 116 13.85 -3.23 -15.23
N GLN A 117 14.78 -3.92 -15.89
CA GLN A 117 14.52 -5.29 -16.29
C GLN A 117 14.27 -6.17 -15.05
N GLN A 118 15.07 -5.98 -13.99
CA GLN A 118 14.86 -6.70 -12.74
C GLN A 118 13.44 -6.49 -12.22
N GLN A 119 13.02 -5.22 -12.15
CA GLN A 119 11.73 -4.84 -11.58
C GLN A 119 10.58 -5.32 -12.46
N VAL A 120 10.68 -5.18 -13.79
CA VAL A 120 9.60 -5.60 -14.66
C VAL A 120 9.48 -7.13 -14.61
N SER A 121 10.63 -7.81 -14.59
CA SER A 121 10.72 -9.25 -14.46
C SER A 121 9.97 -9.79 -13.23
N LYS A 122 9.99 -9.02 -12.13
CA LYS A 122 9.37 -9.45 -10.88
C LYS A 122 7.86 -9.65 -11.11
N TYR A 123 7.27 -8.78 -11.94
CA TYR A 123 5.86 -8.91 -12.30
C TYR A 123 5.62 -8.19 -13.61
N PRO A 124 5.74 -8.88 -14.75
CA PRO A 124 5.69 -8.20 -16.05
C PRO A 124 4.29 -7.69 -16.44
N LEU A 125 3.27 -8.03 -15.63
CA LEU A 125 1.90 -7.56 -15.87
C LEU A 125 1.59 -6.22 -15.20
N MET A 126 2.59 -5.63 -14.53
N MET A 126 2.59 -5.61 -14.57
CA MET A 126 2.32 -4.39 -13.80
CA MET A 126 2.35 -4.40 -13.80
C MET A 126 1.76 -3.29 -14.71
C MET A 126 1.79 -3.29 -14.69
N GLU A 127 2.30 -3.16 -15.92
CA GLU A 127 1.86 -2.11 -16.83
C GLU A 127 0.39 -2.31 -17.21
N GLU A 128 0.01 -3.58 -17.45
CA GLU A 128 -1.35 -3.89 -17.91
C GLU A 128 -2.36 -3.81 -16.77
N ILE A 129 -2.00 -4.26 -15.58
CA ILE A 129 -2.99 -4.31 -14.51
C ILE A 129 -2.93 -3.07 -13.61
N GLY A 130 -1.73 -2.55 -13.34
CA GLY A 130 -1.59 -1.31 -12.57
C GLY A 130 -1.61 -1.52 -11.04
N PHE A 131 -1.59 -2.78 -10.63
CA PHE A 131 -1.47 -3.12 -9.22
C PHE A 131 -1.00 -4.56 -9.09
N LEU A 132 -0.41 -4.90 -7.94
CA LEU A 132 0.06 -6.24 -7.63
C LEU A 132 -0.19 -6.54 -6.16
N VAL A 133 -0.87 -7.66 -5.89
CA VAL A 133 -1.10 -8.06 -4.51
C VAL A 133 0.21 -8.62 -3.95
N LEU A 134 0.71 -8.00 -2.88
CA LEU A 134 1.96 -8.42 -2.28
C LEU A 134 1.73 -9.55 -1.29
N GLY A 135 0.56 -9.57 -0.66
CA GLY A 135 0.23 -10.61 0.28
C GLY A 135 -1.14 -10.34 0.90
N MET A 136 -1.69 -11.38 1.54
CA MET A 136 -2.89 -11.19 2.31
C MET A 136 -2.93 -12.17 3.47
N ARG A 137 -3.64 -11.75 4.52
CA ARG A 137 -3.93 -12.57 5.68
C ARG A 137 -5.42 -12.43 5.95
N VAL A 138 -6.17 -13.54 5.87
CA VAL A 138 -7.62 -13.50 5.95
C VAL A 138 -8.11 -14.37 7.11
N TYR A 139 -8.84 -13.77 8.07
CA TYR A 139 -9.46 -14.52 9.17
C TYR A 139 -10.65 -15.30 8.63
N HIS A 140 -10.66 -16.63 8.91
CA HIS A 140 -11.78 -17.49 8.54
C HIS A 140 -12.52 -17.80 9.83
N VAL A 141 -13.83 -17.44 9.84
CA VAL A 141 -14.65 -17.43 11.04
C VAL A 141 -14.90 -18.86 11.52
N HIS A 142 -15.12 -19.78 10.56
CA HIS A 142 -15.61 -21.12 10.90
C HIS A 142 -14.53 -21.92 11.64
N SER A 143 -13.26 -21.70 11.26
CA SER A 143 -12.13 -22.45 11.80
C SER A 143 -11.36 -21.63 12.85
N ASP A 144 -11.65 -20.28 12.91
CA ASP A 144 -10.98 -19.40 13.85
C ASP A 144 -9.49 -19.35 13.51
N SER A 145 -9.20 -19.27 12.22
CA SER A 145 -7.82 -19.41 11.78
C SER A 145 -7.61 -18.42 10.64
N TYR A 146 -6.33 -18.14 10.35
CA TYR A 146 -5.95 -17.27 9.25
C TYR A 146 -5.47 -18.10 8.06
N GLU A 147 -5.87 -17.68 6.85
CA GLU A 147 -5.28 -18.13 5.60
C GLU A 147 -4.43 -16.99 5.05
N THR A 148 -3.18 -17.31 4.69
CA THR A 148 -2.23 -16.31 4.21
C THR A 148 -1.77 -16.65 2.80
N GLU A 149 -1.56 -15.60 2.01
CA GLU A 149 -0.92 -15.69 0.72
C GLU A 149 0.36 -14.85 0.74
N ASN A 150 1.42 -15.38 0.11
CA ASN A 150 2.70 -14.70 0.01
C ASN A 150 2.80 -14.01 -1.35
N GLN A 151 4.01 -13.48 -1.66
CA GLN A 151 4.23 -12.65 -2.83
C GLN A 151 3.97 -13.43 -4.13
N HIS A 152 4.14 -14.76 -4.09
CA HIS A 152 3.95 -15.58 -5.27
C HIS A 152 2.49 -15.63 -5.71
N TYR A 153 1.56 -15.45 -4.76
CA TYR A 153 0.13 -15.43 -5.08
C TYR A 153 -0.18 -14.31 -6.07
N GLY A 154 0.09 -13.06 -5.67
CA GLY A 154 -0.24 -11.91 -6.48
C GLY A 154 0.52 -11.93 -7.80
N ARG A 155 1.78 -12.41 -7.78
CA ARG A 155 2.61 -12.43 -8.98
C ARG A 155 2.14 -13.51 -9.96
N SER A 156 1.27 -14.43 -9.50
N SER A 156 1.26 -14.41 -9.50
CA SER A 156 0.68 -15.45 -10.36
CA SER A 156 0.68 -15.46 -10.34
C SER A 156 -0.56 -14.94 -11.09
C SER A 156 -0.65 -15.03 -10.96
N LEU A 157 -1.15 -13.84 -10.61
CA LEU A 157 -2.46 -13.40 -11.10
C LEU A 157 -2.30 -12.71 -12.45
N THR A 158 -3.31 -12.91 -13.30
N THR A 158 -3.30 -12.93 -13.32
CA THR A 158 -3.38 -12.42 -14.66
CA THR A 158 -3.36 -12.37 -14.66
C THR A 158 -4.73 -11.70 -14.84
C THR A 158 -4.72 -11.67 -14.83
N LYS A 159 -4.97 -11.09 -16.01
CA LYS A 159 -6.21 -10.35 -16.25
C LYS A 159 -7.44 -11.25 -16.07
N GLU A 160 -7.27 -12.54 -16.41
CA GLU A 160 -8.33 -13.52 -16.28
C GLU A 160 -8.64 -13.84 -14.83
N THR A 161 -7.66 -13.66 -13.92
CA THR A 161 -7.79 -14.19 -12.57
C THR A 161 -7.74 -13.10 -11.50
N ILE A 162 -7.52 -11.82 -11.87
CA ILE A 162 -7.29 -10.79 -10.86
C ILE A 162 -8.55 -10.57 -10.01
N LYS A 163 -9.74 -10.65 -10.62
CA LYS A 163 -10.96 -10.36 -9.88
C LYS A 163 -11.16 -11.40 -8.78
N ASP A 164 -11.07 -12.70 -9.13
CA ASP A 164 -11.17 -13.76 -8.13
C ASP A 164 -10.01 -13.69 -7.14
N GLY A 165 -8.85 -13.27 -7.62
CA GLY A 165 -7.67 -13.16 -6.78
C GLY A 165 -7.82 -12.12 -5.67
N VAL A 166 -8.43 -10.97 -6.01
CA VAL A 166 -8.72 -9.93 -5.03
C VAL A 166 -9.90 -10.34 -4.13
N SER A 167 -10.92 -11.01 -4.68
N SER A 167 -10.93 -10.96 -4.72
CA SER A 167 -12.12 -11.31 -3.90
CA SER A 167 -12.12 -11.40 -3.99
C SER A 167 -11.86 -12.34 -2.81
C SER A 167 -11.73 -12.20 -2.75
N ARG A 168 -10.76 -13.10 -2.92
CA ARG A 168 -10.34 -14.02 -1.87
C ARG A 168 -10.13 -13.27 -0.54
N PHE A 169 -9.58 -12.07 -0.60
CA PHE A 169 -9.29 -11.28 0.58
C PHE A 169 -10.56 -11.08 1.42
N PHE A 170 -11.70 -10.96 0.73
CA PHE A 170 -12.95 -10.55 1.35
C PHE A 170 -13.87 -11.74 1.64
N HIS A 171 -13.34 -12.97 1.51
CA HIS A 171 -14.13 -14.15 1.77
C HIS A 171 -13.70 -14.73 3.12
N ASN A 172 -14.67 -14.86 4.04
CA ASN A 172 -14.38 -15.23 5.41
C ASN A 172 -14.70 -16.71 5.66
N GLY A 173 -14.91 -17.47 4.58
CA GLY A 173 -15.24 -18.89 4.69
C GLY A 173 -16.72 -19.16 4.41
N TYR A 174 -17.61 -18.22 4.78
CA TYR A 174 -19.05 -18.46 4.66
C TYR A 174 -19.71 -17.44 3.73
N CYS A 175 -19.25 -16.17 3.74
CA CYS A 175 -19.83 -15.14 2.90
C CYS A 175 -18.72 -14.26 2.31
N LEU A 176 -19.03 -13.61 1.18
CA LEU A 176 -18.24 -12.51 0.66
C LEU A 176 -18.61 -11.24 1.42
N ARG A 177 -17.60 -10.57 2.00
CA ARG A 177 -17.79 -9.35 2.78
C ARG A 177 -17.94 -8.15 1.85
N LYS A 178 -19.10 -8.04 1.19
CA LYS A 178 -19.34 -6.93 0.28
C LYS A 178 -19.33 -5.60 1.03
N ASP A 179 -19.67 -5.61 2.34
CA ASP A 179 -19.58 -4.41 3.13
C ASP A 179 -18.15 -3.86 3.15
N ALA A 180 -17.16 -4.74 3.34
CA ALA A 180 -15.77 -4.31 3.39
C ALA A 180 -15.29 -3.91 1.99
N VAL A 181 -15.78 -4.58 0.96
CA VAL A 181 -15.49 -4.22 -0.42
C VAL A 181 -15.96 -2.79 -0.70
N ALA A 182 -17.24 -2.50 -0.39
CA ALA A 182 -17.77 -1.19 -0.67
C ALA A 182 -17.04 -0.12 0.16
N ALA A 183 -16.75 -0.40 1.43
CA ALA A 183 -16.05 0.56 2.25
C ALA A 183 -14.66 0.84 1.66
N SER A 184 -14.04 -0.22 1.14
CA SER A 184 -12.70 -0.11 0.55
C SER A 184 -12.74 0.80 -0.67
N ILE A 185 -13.76 0.63 -1.51
CA ILE A 185 -13.93 1.50 -2.66
C ILE A 185 -14.03 2.97 -2.22
N GLN A 186 -14.89 3.22 -1.20
CA GLN A 186 -15.15 4.58 -0.72
C GLN A 186 -13.86 5.22 -0.18
N LYS A 187 -13.02 4.43 0.49
CA LYS A 187 -11.78 4.98 1.02
C LYS A 187 -10.75 5.20 -0.08
N ILE A 188 -10.64 4.25 -1.02
CA ILE A 188 -9.74 4.42 -2.15
C ILE A 188 -10.13 5.65 -2.96
N GLU A 189 -11.45 5.90 -3.11
CA GLU A 189 -11.89 7.03 -3.91
C GLU A 189 -11.32 8.34 -3.35
N LYS A 190 -11.17 8.46 -2.02
CA LYS A 190 -10.62 9.68 -1.43
C LYS A 190 -9.13 9.82 -1.77
N ILE A 191 -8.41 8.71 -1.74
CA ILE A 191 -7.00 8.71 -2.15
C ILE A 191 -6.91 9.07 -3.63
N LEU A 192 -7.82 8.53 -4.44
CA LEU A 192 -7.83 8.86 -5.85
C LEU A 192 -8.03 10.36 -6.03
N GLN A 193 -8.98 10.93 -5.29
CA GLN A 193 -9.25 12.37 -5.41
C GLN A 193 -8.00 13.16 -5.06
N TRP A 194 -7.23 12.71 -4.05
CA TRP A 194 -5.99 13.38 -3.70
C TRP A 194 -5.01 13.37 -4.89
N PHE A 195 -4.88 12.20 -5.53
CA PHE A 195 -4.00 12.04 -6.68
C PHE A 195 -4.46 12.86 -7.88
N GLU A 196 -5.77 12.99 -8.09
CA GLU A 196 -6.32 13.78 -9.18
C GLU A 196 -6.06 15.28 -8.96
N ASN A 197 -5.63 15.69 -7.76
CA ASN A 197 -5.52 17.10 -7.40
C ASN A 197 -4.10 17.45 -6.91
N GLN A 198 -3.07 16.68 -7.29
CA GLN A 198 -1.69 17.04 -6.95
C GLN A 198 -0.79 16.72 -8.14
N LYS A 199 0.21 17.59 -8.40
CA LYS A 199 1.20 17.36 -9.44
C LYS A 199 2.59 17.67 -8.90
N GLN A 200 2.91 17.17 -7.70
CA GLN A 200 4.19 17.48 -7.09
C GLN A 200 4.92 16.22 -6.61
N LEU A 201 4.25 15.05 -6.59
CA LEU A 201 4.88 13.80 -6.17
C LEU A 201 4.45 12.66 -7.07
N ASN A 202 5.40 11.80 -7.43
CA ASN A 202 5.09 10.56 -8.14
C ASN A 202 5.62 9.40 -7.30
N PHE A 203 4.81 8.34 -7.21
CA PHE A 203 5.00 7.26 -6.26
C PHE A 203 5.23 5.96 -7.01
N TYR A 204 6.43 5.37 -6.85
CA TYR A 204 6.71 4.09 -7.46
C TYR A 204 6.93 3.05 -6.38
N ALA A 205 6.47 1.82 -6.62
CA ALA A 205 6.64 0.71 -5.71
C ALA A 205 6.05 1.00 -4.33
N SER A 206 5.04 1.89 -4.25
N SER A 206 5.00 1.85 -4.32
CA SER A 206 4.34 2.11 -3.00
CA SER A 206 4.26 2.21 -3.11
C SER A 206 3.04 1.32 -3.03
C SER A 206 3.02 1.33 -3.04
N SER A 207 2.45 1.18 -1.84
CA SER A 207 1.35 0.25 -1.61
C SER A 207 0.16 0.92 -0.90
N LEU A 208 -0.97 0.23 -1.06
CA LEU A 208 -2.11 0.42 -0.17
C LEU A 208 -2.20 -0.77 0.77
N LEU A 209 -2.39 -0.47 2.06
CA LEU A 209 -2.64 -1.46 3.08
C LEU A 209 -4.13 -1.39 3.39
N PHE A 210 -4.80 -2.51 3.11
CA PHE A 210 -6.22 -2.70 3.39
C PHE A 210 -6.34 -3.49 4.68
N VAL A 211 -7.23 -3.04 5.58
CA VAL A 211 -7.46 -3.79 6.79
C VAL A 211 -8.95 -3.76 7.05
N TYR A 212 -9.54 -4.93 7.33
CA TYR A 212 -10.91 -4.96 7.82
C TYR A 212 -11.02 -5.95 8.97
N GLU A 213 -12.14 -5.83 9.71
CA GLU A 213 -12.38 -6.65 10.89
C GLU A 213 -12.97 -8.01 10.51
N GLY A 214 -12.33 -9.07 10.85
CA GLY A 214 -12.83 -10.36 10.46
C GLY A 214 -13.77 -11.00 11.48
N SER A 215 -13.68 -10.49 12.69
CA SER A 215 -14.57 -10.99 13.76
C SER A 215 -15.73 -10.10 13.68
N VAL A 224 -13.15 -0.14 8.46
CA VAL A 224 -12.20 -0.49 7.35
C VAL A 224 -11.09 0.56 7.28
N GLU A 225 -9.84 0.12 7.08
CA GLU A 225 -8.71 1.01 6.82
C GLU A 225 -8.14 0.75 5.42
N VAL A 226 -7.77 1.85 4.78
CA VAL A 226 -7.03 1.77 3.51
C VAL A 226 -5.97 2.88 3.65
N ARG A 227 -4.70 2.48 3.84
CA ARG A 227 -3.67 3.49 3.95
C ARG A 227 -2.49 3.30 3.00
N MET A 228 -1.94 4.43 2.62
CA MET A 228 -0.75 4.40 1.79
C MET A 228 0.48 4.11 2.65
N ILE A 229 1.33 3.22 2.15
CA ILE A 229 2.59 2.86 2.80
C ILE A 229 3.69 2.67 1.74
N ASP A 230 4.94 2.66 2.23
CA ASP A 230 6.13 2.20 1.53
C ASP A 230 6.61 3.27 0.53
N PHE A 231 7.45 4.19 1.02
CA PHE A 231 7.75 5.42 0.30
C PHE A 231 9.25 5.56 -0.01
N ALA A 232 9.93 4.46 -0.32
CA ALA A 232 11.35 4.50 -0.70
C ALA A 232 11.56 4.96 -2.15
N HIS A 233 10.48 5.09 -2.95
CA HIS A 233 10.61 5.51 -4.34
C HIS A 233 9.58 6.56 -4.71
N VAL A 234 9.46 7.57 -3.84
CA VAL A 234 8.64 8.75 -4.11
C VAL A 234 9.53 9.89 -4.54
N PHE A 235 9.18 10.48 -5.68
CA PHE A 235 10.02 11.50 -6.27
C PHE A 235 9.23 12.78 -6.53
N PRO A 236 9.91 13.94 -6.48
CA PRO A 236 9.29 15.18 -6.91
C PRO A 236 8.94 15.09 -8.39
N SER A 237 7.82 15.72 -8.74
CA SER A 237 7.30 15.68 -10.08
C SER A 237 6.67 17.03 -10.39
N ASN A 238 6.38 17.26 -11.68
CA ASN A 238 5.59 18.41 -12.08
C ASN A 238 4.40 17.93 -12.93
N THR A 239 4.06 16.64 -12.83
CA THR A 239 2.90 16.10 -13.52
C THR A 239 2.10 15.19 -12.58
N ILE A 240 0.89 14.88 -13.05
CA ILE A 240 0.02 13.88 -12.46
C ILE A 240 0.74 12.54 -12.45
N ASP A 241 0.54 11.77 -11.38
CA ASP A 241 1.05 10.41 -11.29
C ASP A 241 0.10 9.48 -12.06
N GLU A 242 0.30 9.35 -13.37
CA GLU A 242 -0.71 8.72 -14.21
C GLU A 242 -0.73 7.21 -14.00
N GLY A 243 0.44 6.61 -13.70
CA GLY A 243 0.51 5.19 -13.40
C GLY A 243 -0.25 4.85 -12.11
N TYR A 244 -0.15 5.74 -11.12
CA TYR A 244 -0.80 5.50 -9.84
C TYR A 244 -2.31 5.62 -10.03
N VAL A 245 -2.74 6.65 -10.76
CA VAL A 245 -4.16 6.85 -11.03
C VAL A 245 -4.73 5.64 -11.80
N TYR A 246 -4.04 5.17 -12.86
CA TYR A 246 -4.50 4.02 -13.62
C TYR A 246 -4.71 2.82 -12.69
N GLY A 247 -3.73 2.62 -11.81
CA GLY A 247 -3.80 1.49 -10.89
C GLY A 247 -4.97 1.58 -9.92
N LEU A 248 -5.16 2.77 -9.32
CA LEU A 248 -6.27 2.98 -8.40
C LEU A 248 -7.60 2.76 -9.12
N LYS A 249 -7.72 3.31 -10.33
CA LYS A 249 -8.97 3.17 -11.06
C LYS A 249 -9.24 1.72 -11.42
N HIS A 250 -8.19 0.99 -11.87
CA HIS A 250 -8.37 -0.41 -12.21
C HIS A 250 -8.77 -1.16 -10.94
N LEU A 251 -8.12 -0.84 -9.82
CA LEU A 251 -8.42 -1.53 -8.57
C LEU A 251 -9.86 -1.25 -8.14
N ILE A 252 -10.31 0.01 -8.22
CA ILE A 252 -11.70 0.34 -7.91
C ILE A 252 -12.66 -0.46 -8.81
N SER A 253 -12.35 -0.55 -10.11
N SER A 253 -12.35 -0.55 -10.11
CA SER A 253 -13.20 -1.25 -11.06
CA SER A 253 -13.18 -1.25 -11.07
C SER A 253 -13.31 -2.74 -10.72
C SER A 253 -13.31 -2.73 -10.69
N VAL A 254 -12.19 -3.35 -10.29
CA VAL A 254 -12.21 -4.73 -9.85
C VAL A 254 -13.09 -4.88 -8.62
N LEU A 255 -12.86 -4.05 -7.58
CA LEU A 255 -13.67 -4.08 -6.38
C LEU A 255 -15.16 -3.90 -6.72
N ARG A 256 -15.49 -2.95 -7.60
CA ARG A 256 -16.88 -2.69 -7.98
C ARG A 256 -17.51 -3.94 -8.61
N SER A 257 -16.74 -4.64 -9.45
N SER A 257 -16.73 -4.63 -9.45
CA SER A 257 -17.22 -5.85 -10.11
CA SER A 257 -17.20 -5.83 -10.11
C SER A 257 -17.56 -6.91 -9.07
C SER A 257 -17.55 -6.90 -9.08
N ILE A 258 -16.74 -6.98 -8.00
CA ILE A 258 -16.95 -7.95 -6.93
C ILE A 258 -18.29 -7.69 -6.23
N LEU A 259 -18.76 -6.43 -6.16
CA LEU A 259 -20.05 -6.15 -5.56
C LEU A 259 -21.20 -6.80 -6.33
N ASP A 260 -20.96 -7.29 -7.55
CA ASP A 260 -21.99 -7.92 -8.35
C ASP A 260 -22.02 -9.45 -8.23
N ASN A 261 -21.14 -10.02 -7.40
CA ASN A 261 -20.98 -11.46 -7.26
C ASN A 261 -22.25 -12.11 -6.69
C2 YHN B . 1.15 -6.51 8.31
C3 YHN B . 0.94 -5.99 9.58
C4 YHN B . 0.63 -6.85 10.63
C5 YHN B . 1.02 -4.60 9.79
C6 YHN B . 1.35 -3.73 8.74
C7 YHN B . 1.39 -2.39 9.02
C8 YHN B . 1.80 -0.23 9.19
C9 YHN B . 2.38 0.97 8.92
C10 YHN B . 3.38 1.03 7.98
C11 YHN B . 3.80 -0.10 7.29
C12 YHN B . 4.83 0.00 6.32
C13 YHN B . 3.16 -1.30 7.61
C14 YHN B . 2.17 -1.37 8.55
C1 YHN B . 1.46 -5.66 7.24
C YHN B . 1.65 -6.20 5.97
C15 YHN B . 1.54 -4.28 7.46
O YHN B . 0.56 -1.88 9.96
N YHN B . 0.84 -0.50 10.06
O2 YHN B . 5.44 1.08 6.12
O1 YHN B . 5.24 -0.97 5.66
#